data_1VHE
#
_entry.id   1VHE
#
_cell.length_a   223.966
_cell.length_b   223.966
_cell.length_c   223.966
_cell.angle_alpha   90.00
_cell.angle_beta   90.00
_cell.angle_gamma   90.00
#
_symmetry.space_group_name_H-M   'F 4 3 2'
#
loop_
_entity.id
_entity.type
_entity.pdbx_description
1 polymer 'aminopeptidase/glucanase homolog'
2 non-polymer 'ZINC ION'
3 water water
#
_entity_poly.entity_id   1
_entity_poly.type   'polypeptide(L)'
_entity_poly.pdbx_seq_one_letter_code
;(MSE)SLAKLDETLT(MSE)LKDLTDAKGIPGNEREVRQV(MSE)KSYIEPFADEVTTDRLGSLIAKKTGAENGPKI
(MSE)IAGHLDEVGF(MSE)VTQITDKGFIRFQTVGGWWAQV(MSE)LAQRVTIVTKKGEITGVIGSKPPHILSPEARKK
SVEIKD(MSE)FIDIGASSREEALEWGVLPGD(MSE)IVPHFEFTV(MSE)NNEKFLLAKAWDNRIGCAIAIDVLRNLQN
TDHPNIVYGVGTVQEEVGLRGAKTAAHTIQPDIAFGVDVGIAGDTPGISEKEAQSK(MSE)GKGPQIIVYDAS(MSE)VS
HKGLRDAVVATAEEAGIPYQFDAIAGGGTDSGAIHLTANGVPALSITIATRYIHTHAA(MSE)LHRDDYENAVKLITEVI
KKLDRKTVDEITYQEGGSHHHHHH
;
_entity_poly.pdbx_strand_id   A
#
loop_
_chem_comp.id
_chem_comp.type
_chem_comp.name
_chem_comp.formula
ZN non-polymer 'ZINC ION' 'Zn 2'
#
# COMPACT_ATOMS: atom_id res chain seq x y z
N LYS A 5 -9.45 -22.04 -9.42
CA LYS A 5 -9.19 -21.22 -10.65
C LYS A 5 -9.53 -19.75 -10.37
N LEU A 6 -8.60 -18.87 -10.73
CA LEU A 6 -8.78 -17.44 -10.52
C LEU A 6 -8.87 -16.71 -11.86
N ASP A 7 -9.76 -15.74 -11.95
CA ASP A 7 -9.90 -14.98 -13.19
C ASP A 7 -8.68 -14.06 -13.34
N GLU A 8 -8.69 -13.23 -14.38
CA GLU A 8 -7.57 -12.32 -14.63
C GLU A 8 -7.28 -11.37 -13.46
N THR A 9 -8.33 -10.80 -12.89
CA THR A 9 -8.16 -9.87 -11.78
C THR A 9 -7.57 -10.54 -10.54
N LEU A 10 -8.18 -11.65 -10.09
CA LEU A 10 -7.68 -12.34 -8.93
C LEU A 10 -6.26 -12.88 -9.14
N THR A 11 -5.95 -13.28 -10.37
CA THR A 11 -4.61 -13.79 -10.65
C THR A 11 -3.59 -12.68 -10.42
N MSE A 12 -3.91 -11.47 -10.88
CA MSE A 12 -3.02 -10.34 -10.72
C MSE A 12 -2.89 -9.97 -9.24
O MSE A 12 -1.79 -9.71 -8.76
CB MSE A 12 -3.52 -9.13 -11.50
CG MSE A 12 -2.70 -7.87 -11.28
SE MSE A 12 -3.30 -6.41 -12.39
CE MSE A 12 -4.82 -5.86 -11.33
N LEU A 13 -4.00 -9.93 -8.53
CA LEU A 13 -3.96 -9.58 -7.11
C LEU A 13 -3.15 -10.60 -6.34
N LYS A 14 -3.27 -11.87 -6.71
CA LYS A 14 -2.52 -12.92 -6.03
C LYS A 14 -1.03 -12.75 -6.32
N ASP A 15 -0.67 -12.45 -7.57
CA ASP A 15 0.74 -12.26 -7.91
C ASP A 15 1.33 -11.09 -7.15
N LEU A 16 0.58 -10.00 -7.06
CA LEU A 16 1.05 -8.81 -6.35
C LEU A 16 1.22 -9.06 -4.85
N THR A 17 0.23 -9.70 -4.23
CA THR A 17 0.31 -9.99 -2.80
C THR A 17 1.32 -11.09 -2.49
N ASP A 18 1.56 -11.99 -3.45
CA ASP A 18 2.54 -13.06 -3.24
C ASP A 18 3.97 -12.50 -3.24
N ALA A 19 4.19 -11.45 -4.03
CA ALA A 19 5.52 -10.84 -4.11
C ALA A 19 6.02 -10.42 -2.73
N LYS A 20 7.33 -10.55 -2.50
CA LYS A 20 7.93 -10.20 -1.23
C LYS A 20 8.71 -8.89 -1.34
N GLY A 21 8.32 -7.90 -0.53
CA GLY A 21 9.02 -6.63 -0.59
C GLY A 21 8.72 -5.69 0.56
N ILE A 22 9.66 -5.60 1.50
CA ILE A 22 9.51 -4.71 2.64
C ILE A 22 10.25 -3.42 2.29
N PRO A 23 10.13 -2.37 3.13
CA PRO A 23 10.82 -1.12 2.83
C PRO A 23 12.31 -1.33 2.52
N GLY A 24 12.77 -0.72 1.44
CA GLY A 24 14.16 -0.85 1.04
C GLY A 24 14.50 -2.17 0.38
N ASN A 25 13.49 -3.02 0.16
CA ASN A 25 13.69 -4.32 -0.45
C ASN A 25 12.50 -4.66 -1.34
N GLU A 26 12.02 -3.68 -2.09
CA GLU A 26 10.84 -3.83 -2.94
C GLU A 26 11.00 -4.41 -4.35
N ARG A 27 12.22 -4.72 -4.76
CA ARG A 27 12.48 -5.21 -6.12
C ARG A 27 11.53 -6.27 -6.69
N GLU A 28 11.29 -7.34 -5.95
CA GLU A 28 10.42 -8.39 -6.46
C GLU A 28 9.02 -7.87 -6.77
N VAL A 29 8.52 -6.97 -5.91
CA VAL A 29 7.19 -6.40 -6.11
C VAL A 29 7.20 -5.48 -7.33
N ARG A 30 8.27 -4.69 -7.46
CA ARG A 30 8.40 -3.77 -8.58
C ARG A 30 8.39 -4.55 -9.89
N GLN A 31 9.09 -5.69 -9.91
CA GLN A 31 9.16 -6.51 -11.11
C GLN A 31 7.77 -7.02 -11.51
N VAL A 32 6.97 -7.43 -10.53
CA VAL A 32 5.63 -7.93 -10.83
C VAL A 32 4.73 -6.80 -11.32
N MSE A 33 4.75 -5.67 -10.61
CA MSE A 33 3.92 -4.54 -11.01
C MSE A 33 4.32 -4.06 -12.40
O MSE A 33 3.45 -3.70 -13.21
CB MSE A 33 4.06 -3.40 -10.01
CG MSE A 33 3.19 -2.20 -10.35
SE MSE A 33 3.24 -0.84 -8.99
CE MSE A 33 1.87 0.34 -9.69
N LYS A 34 5.62 -4.04 -12.68
CA LYS A 34 6.10 -3.58 -13.98
C LYS A 34 5.57 -4.46 -15.12
N SER A 35 5.62 -5.78 -14.92
CA SER A 35 5.13 -6.70 -15.95
C SER A 35 3.66 -6.46 -16.25
N TYR A 36 2.87 -6.19 -15.22
CA TYR A 36 1.44 -5.95 -15.38
C TYR A 36 1.08 -4.59 -15.95
N ILE A 37 1.84 -3.56 -15.58
CA ILE A 37 1.52 -2.21 -16.01
C ILE A 37 2.16 -1.69 -17.30
N GLU A 38 3.30 -2.23 -17.70
CA GLU A 38 3.95 -1.73 -18.91
C GLU A 38 3.11 -1.79 -20.19
N PRO A 39 2.22 -2.78 -20.33
CA PRO A 39 1.40 -2.85 -21.55
C PRO A 39 0.50 -1.62 -21.71
N PHE A 40 0.29 -0.90 -20.62
CA PHE A 40 -0.58 0.27 -20.63
C PHE A 40 0.18 1.59 -20.46
N ALA A 41 1.50 1.56 -20.60
CA ALA A 41 2.30 2.77 -20.45
C ALA A 41 3.18 3.05 -21.65
N ASP A 42 3.44 4.32 -21.90
CA ASP A 42 4.29 4.72 -23.01
C ASP A 42 5.74 4.70 -22.55
N GLU A 43 5.94 4.87 -21.24
CA GLU A 43 7.27 4.89 -20.67
C GLU A 43 7.26 4.42 -19.23
N VAL A 44 8.23 3.59 -18.86
CA VAL A 44 8.34 3.09 -17.50
C VAL A 44 9.75 3.39 -16.99
N THR A 45 9.83 4.01 -15.83
CA THR A 45 11.11 4.38 -15.23
C THR A 45 11.02 4.19 -13.72
N THR A 46 12.10 4.54 -13.01
CA THR A 46 12.10 4.46 -11.56
C THR A 46 12.85 5.65 -10.99
N ASP A 47 12.60 5.99 -9.73
CA ASP A 47 13.38 7.07 -9.14
C ASP A 47 14.61 6.35 -8.61
N ARG A 48 15.51 7.07 -7.95
CA ARG A 48 16.73 6.43 -7.47
C ARG A 48 16.63 5.55 -6.23
N LEU A 49 15.44 5.47 -5.64
CA LEU A 49 15.24 4.62 -4.47
C LEU A 49 14.44 3.37 -4.86
N GLY A 50 13.99 3.32 -6.12
CA GLY A 50 13.25 2.16 -6.58
C GLY A 50 11.76 2.31 -6.86
N SER A 51 11.20 3.52 -6.74
CA SER A 51 9.78 3.70 -7.01
C SER A 51 9.53 3.47 -8.50
N LEU A 52 8.48 2.71 -8.81
CA LEU A 52 8.15 2.42 -10.21
C LEU A 52 7.22 3.51 -10.75
N ILE A 53 7.58 4.06 -11.91
CA ILE A 53 6.79 5.13 -12.52
C ILE A 53 6.38 4.80 -13.95
N ALA A 54 5.08 4.62 -14.17
CA ALA A 54 4.56 4.29 -15.49
C ALA A 54 3.79 5.49 -16.04
N LYS A 55 4.29 6.04 -17.14
CA LYS A 55 3.67 7.21 -17.76
C LYS A 55 2.79 6.88 -18.96
N LYS A 56 1.57 7.41 -18.95
CA LYS A 56 0.60 7.21 -20.03
C LYS A 56 0.15 8.58 -20.52
N THR A 57 0.52 8.92 -21.75
CA THR A 57 0.16 10.22 -22.32
C THR A 57 -1.19 10.20 -23.04
N GLY A 58 -2.13 11.00 -22.55
CA GLY A 58 -3.43 11.07 -23.19
C GLY A 58 -3.47 12.32 -24.04
N ALA A 59 -2.85 13.38 -23.54
CA ALA A 59 -2.76 14.66 -24.22
C ALA A 59 -1.35 15.20 -24.01
N GLU A 60 -0.62 15.36 -25.11
CA GLU A 60 0.77 15.82 -25.09
C GLU A 60 1.15 16.85 -24.02
N ASN A 61 0.50 17.99 -24.02
CA ASN A 61 0.85 19.02 -23.04
C ASN A 61 -0.20 19.19 -21.96
N GLY A 62 -0.94 18.11 -21.68
CA GLY A 62 -1.96 18.16 -20.67
C GLY A 62 -1.36 18.07 -19.27
N PRO A 63 -2.15 18.37 -18.23
CA PRO A 63 -1.65 18.31 -16.86
C PRO A 63 -1.22 16.89 -16.47
N LYS A 64 -0.30 16.80 -15.51
CA LYS A 64 0.21 15.52 -15.05
C LYS A 64 -0.53 15.03 -13.80
N ILE A 65 -1.14 13.86 -13.92
CA ILE A 65 -1.92 13.27 -12.82
C ILE A 65 -1.18 12.05 -12.27
N MSE A 66 -0.88 12.08 -10.97
CA MSE A 66 -0.16 10.99 -10.34
C MSE A 66 -1.08 10.11 -9.49
O MSE A 66 -1.81 10.61 -8.64
CB MSE A 66 0.96 11.57 -9.46
CG MSE A 66 1.85 10.56 -8.76
SE MSE A 66 3.21 11.47 -7.70
CE MSE A 66 4.13 9.94 -6.98
N ILE A 67 -1.04 8.81 -9.75
CA ILE A 67 -1.84 7.83 -9.01
C ILE A 67 -0.80 6.99 -8.27
N ALA A 68 -0.75 7.14 -6.95
CA ALA A 68 0.27 6.44 -6.17
C ALA A 68 -0.15 5.38 -5.16
N GLY A 69 0.36 4.16 -5.39
CA GLY A 69 0.13 3.07 -4.45
C GLY A 69 1.54 2.88 -3.92
N HIS A 70 1.77 1.90 -3.03
CA HIS A 70 3.14 1.68 -2.57
C HIS A 70 3.51 0.21 -2.60
N LEU A 71 4.74 -0.05 -3.06
CA LEU A 71 5.28 -1.40 -3.23
C LEU A 71 5.65 -2.14 -1.95
N ASP A 72 6.05 -1.40 -0.93
CA ASP A 72 6.47 -2.02 0.32
C ASP A 72 5.35 -2.49 1.23
N GLU A 73 5.61 -3.60 1.91
CA GLU A 73 4.68 -4.19 2.87
C GLU A 73 5.44 -4.20 4.18
N VAL A 74 4.74 -4.15 5.32
CA VAL A 74 5.45 -4.18 6.59
C VAL A 74 6.11 -5.55 6.76
N GLY A 75 7.28 -5.55 7.38
CA GLY A 75 8.00 -6.79 7.59
C GLY A 75 9.03 -6.63 8.67
N PHE A 76 10.10 -7.42 8.58
CA PHE A 76 11.17 -7.39 9.57
C PHE A 76 12.51 -7.51 8.86
N MSE A 77 13.57 -7.22 9.59
CA MSE A 77 14.93 -7.31 9.05
C MSE A 77 15.83 -7.96 10.08
O MSE A 77 15.77 -7.63 11.26
CB MSE A 77 15.45 -5.90 8.71
CG MSE A 77 16.86 -5.88 8.15
SE MSE A 77 17.45 -4.09 7.67
CE MSE A 77 16.71 -4.04 5.89
N VAL A 78 16.64 -8.91 9.63
CA VAL A 78 17.57 -9.59 10.53
C VAL A 78 18.56 -8.57 11.06
N THR A 79 18.81 -8.58 12.37
CA THR A 79 19.76 -7.64 12.96
C THR A 79 20.88 -8.36 13.68
N GLN A 80 20.62 -9.58 14.13
CA GLN A 80 21.63 -10.34 14.86
C GLN A 80 21.32 -11.83 14.89
N ILE A 81 22.37 -12.64 14.93
CA ILE A 81 22.25 -14.09 15.03
C ILE A 81 22.89 -14.43 16.37
N THR A 82 22.13 -15.02 17.27
CA THR A 82 22.66 -15.37 18.59
C THR A 82 23.65 -16.53 18.52
N ASP A 83 24.43 -16.70 19.58
CA ASP A 83 25.42 -17.77 19.63
C ASP A 83 24.77 -19.13 19.42
N LYS A 84 23.50 -19.26 19.81
CA LYS A 84 22.79 -20.52 19.68
C LYS A 84 22.00 -20.65 18.38
N GLY A 85 22.20 -19.72 17.46
CA GLY A 85 21.52 -19.79 16.18
C GLY A 85 20.15 -19.18 16.02
N PHE A 86 19.67 -18.43 17.02
CA PHE A 86 18.37 -17.80 16.92
C PHE A 86 18.54 -16.46 16.23
N ILE A 87 17.47 -15.98 15.60
CA ILE A 87 17.54 -14.71 14.89
C ILE A 87 16.83 -13.57 15.61
N ARG A 88 17.55 -12.45 15.75
CA ARG A 88 16.99 -11.25 16.37
C ARG A 88 16.63 -10.38 15.17
N PHE A 89 15.56 -9.60 15.29
CA PHE A 89 15.13 -8.78 14.17
C PHE A 89 14.63 -7.41 14.56
N GLN A 90 14.42 -6.58 13.55
CA GLN A 90 13.93 -5.23 13.73
C GLN A 90 12.67 -5.10 12.89
N THR A 91 11.63 -4.51 13.45
CA THR A 91 10.40 -4.32 12.72
C THR A 91 10.65 -3.19 11.72
N VAL A 92 10.23 -3.39 10.47
CA VAL A 92 10.36 -2.38 9.44
C VAL A 92 8.91 -2.13 9.03
N GLY A 93 8.33 -1.11 9.63
CA GLY A 93 6.93 -0.79 9.41
C GLY A 93 6.25 -0.99 10.76
N GLY A 94 5.05 -0.44 10.93
CA GLY A 94 4.37 -0.56 12.21
C GLY A 94 3.70 -1.89 12.49
N TRP A 95 4.18 -2.58 13.52
CA TRP A 95 3.62 -3.87 13.90
C TRP A 95 3.06 -3.85 15.32
N TRP A 96 1.96 -4.56 15.53
CA TRP A 96 1.38 -4.66 16.86
C TRP A 96 1.90 -5.99 17.39
N ALA A 97 2.50 -5.96 18.58
CA ALA A 97 3.06 -7.17 19.19
C ALA A 97 2.07 -8.33 19.30
N GLN A 98 0.79 -8.03 19.46
CA GLN A 98 -0.20 -9.08 19.64
C GLN A 98 -0.63 -9.93 18.44
N VAL A 99 -0.04 -9.69 17.26
CA VAL A 99 -0.39 -10.50 16.09
C VAL A 99 0.83 -11.22 15.54
N MSE A 100 1.92 -11.22 16.29
CA MSE A 100 3.18 -11.81 15.84
C MSE A 100 3.62 -13.19 16.33
O MSE A 100 4.25 -13.93 15.57
CB MSE A 100 4.30 -10.81 16.12
CG MSE A 100 4.14 -9.48 15.41
SE MSE A 100 5.44 -8.17 16.00
CE MSE A 100 7.06 -9.13 15.50
N LEU A 101 3.31 -13.54 17.57
CA LEU A 101 3.75 -14.83 18.09
C LEU A 101 3.17 -16.03 17.37
N ALA A 102 4.01 -17.06 17.23
CA ALA A 102 3.64 -18.31 16.57
C ALA A 102 3.30 -18.13 15.10
N GLN A 103 3.85 -17.08 14.49
CA GLN A 103 3.62 -16.80 13.08
C GLN A 103 4.79 -17.25 12.21
N ARG A 104 4.47 -17.76 11.03
CA ARG A 104 5.49 -18.24 10.10
C ARG A 104 6.01 -17.08 9.24
N VAL A 105 7.33 -17.00 9.12
CA VAL A 105 7.95 -15.95 8.32
C VAL A 105 8.97 -16.56 7.38
N THR A 106 9.35 -15.79 6.36
CA THR A 106 10.33 -16.25 5.40
C THR A 106 11.49 -15.28 5.36
N ILE A 107 12.69 -15.78 5.61
CA ILE A 107 13.90 -14.95 5.57
C ILE A 107 14.49 -15.13 4.18
N VAL A 108 14.65 -14.02 3.46
CA VAL A 108 15.21 -14.07 2.11
C VAL A 108 16.71 -13.81 2.21
N THR A 109 17.49 -14.88 2.09
CA THR A 109 18.95 -14.76 2.20
C THR A 109 19.63 -14.86 0.82
N LYS A 110 20.92 -14.59 0.81
CA LYS A 110 21.69 -14.65 -0.43
C LYS A 110 21.73 -16.08 -0.97
N LYS A 111 21.43 -17.05 -0.11
CA LYS A 111 21.43 -18.45 -0.53
C LYS A 111 20.03 -19.01 -0.72
N GLY A 112 19.03 -18.15 -0.62
CA GLY A 112 17.66 -18.60 -0.80
C GLY A 112 16.77 -18.34 0.41
N GLU A 113 15.53 -18.78 0.30
CA GLU A 113 14.55 -18.60 1.35
C GLU A 113 14.70 -19.59 2.50
N ILE A 114 14.43 -19.11 3.72
CA ILE A 114 14.50 -19.95 4.90
C ILE A 114 13.23 -19.71 5.72
N THR A 115 12.56 -20.79 6.08
CA THR A 115 11.33 -20.68 6.87
C THR A 115 11.63 -20.67 8.36
N GLY A 116 10.97 -19.76 9.08
CA GLY A 116 11.18 -19.67 10.51
C GLY A 116 9.87 -19.34 11.20
N VAL A 117 9.89 -19.32 12.53
CA VAL A 117 8.70 -19.00 13.30
C VAL A 117 9.06 -17.99 14.38
N ILE A 118 8.17 -17.05 14.64
CA ILE A 118 8.39 -16.04 15.66
C ILE A 118 8.02 -16.60 17.01
N GLY A 119 8.91 -16.44 17.99
CA GLY A 119 8.62 -16.95 19.32
C GLY A 119 9.09 -16.06 20.46
N SER A 120 8.76 -16.47 21.68
CA SER A 120 9.13 -15.74 22.89
C SER A 120 9.29 -16.75 24.01
N LYS A 121 9.32 -16.26 25.25
CA LYS A 121 9.43 -17.16 26.40
C LYS A 121 8.08 -17.83 26.62
N PRO A 122 8.09 -19.09 27.08
CA PRO A 122 6.85 -19.82 27.34
C PRO A 122 6.05 -19.12 28.44
N PRO A 123 4.71 -19.13 28.33
CA PRO A 123 3.79 -18.49 29.29
C PRO A 123 3.98 -18.91 30.76
N HIS A 124 4.11 -20.21 30.99
CA HIS A 124 4.24 -20.71 32.36
C HIS A 124 5.49 -20.22 33.08
N ILE A 125 6.47 -19.75 32.32
CA ILE A 125 7.71 -19.24 32.91
C ILE A 125 7.56 -17.76 33.26
N LEU A 126 6.52 -17.14 32.70
CA LEU A 126 6.26 -15.71 32.96
C LEU A 126 5.40 -15.58 34.21
N SER A 127 5.38 -14.39 34.79
CA SER A 127 4.58 -14.14 35.98
C SER A 127 3.12 -14.03 35.55
N PRO A 128 2.18 -14.28 36.48
CA PRO A 128 0.76 -14.20 36.13
C PRO A 128 0.39 -12.85 35.52
N GLU A 129 1.10 -11.81 35.94
CA GLU A 129 0.85 -10.46 35.45
C GLU A 129 1.43 -10.32 34.03
N ALA A 130 2.70 -10.64 33.90
CA ALA A 130 3.38 -10.55 32.60
C ALA A 130 2.70 -11.44 31.57
N ARG A 131 2.00 -12.46 32.05
CA ARG A 131 1.30 -13.39 31.17
C ARG A 131 0.09 -12.69 30.57
N LYS A 132 -0.38 -11.65 31.24
CA LYS A 132 -1.53 -10.87 30.79
C LYS A 132 -1.10 -9.64 30.01
N LYS A 133 0.15 -9.20 30.23
CA LYS A 133 0.66 -8.04 29.52
C LYS A 133 1.30 -8.53 28.24
N SER A 134 1.13 -7.78 27.15
CA SER A 134 1.68 -8.16 25.87
C SER A 134 3.20 -8.34 25.90
N VAL A 135 3.69 -9.34 25.17
CA VAL A 135 5.11 -9.58 25.09
C VAL A 135 5.69 -8.43 24.27
N GLU A 136 6.86 -7.94 24.66
CA GLU A 136 7.47 -6.84 23.92
C GLU A 136 8.20 -7.39 22.69
N ILE A 137 8.02 -6.71 21.56
CA ILE A 137 8.64 -7.13 20.32
C ILE A 137 10.15 -7.33 20.43
N LYS A 138 10.80 -6.45 21.18
CA LYS A 138 12.25 -6.54 21.36
C LYS A 138 12.65 -7.84 22.07
N ASP A 139 11.69 -8.49 22.72
CA ASP A 139 11.96 -9.73 23.44
C ASP A 139 11.59 -10.97 22.61
N MSE A 140 11.26 -10.76 21.35
CA MSE A 140 10.90 -11.86 20.48
C MSE A 140 12.10 -12.28 19.64
O MSE A 140 13.08 -11.55 19.55
CB MSE A 140 9.74 -11.46 19.55
CG MSE A 140 8.46 -11.13 20.27
SE MSE A 140 7.09 -10.58 19.03
CE MSE A 140 5.69 -10.17 20.31
N PHE A 141 12.00 -13.45 19.04
CA PHE A 141 13.09 -13.97 18.20
C PHE A 141 12.49 -14.86 17.13
N ILE A 142 13.32 -15.26 16.18
CA ILE A 142 12.89 -16.14 15.10
C ILE A 142 13.72 -17.40 15.15
N ASP A 143 13.05 -18.54 15.09
CA ASP A 143 13.68 -19.86 15.15
C ASP A 143 13.67 -20.50 13.77
N ILE A 144 14.84 -20.86 13.26
CA ILE A 144 14.94 -21.49 11.95
C ILE A 144 15.57 -22.88 12.08
N GLY A 145 15.62 -23.40 13.30
CA GLY A 145 16.18 -24.72 13.50
C GLY A 145 17.69 -24.80 13.48
N ALA A 146 18.35 -23.66 13.64
CA ALA A 146 19.81 -23.61 13.66
C ALA A 146 20.26 -23.87 15.09
N SER A 147 21.49 -24.35 15.27
CA SER A 147 22.00 -24.64 16.60
C SER A 147 23.22 -23.80 17.00
N SER A 148 23.66 -22.94 16.09
CA SER A 148 24.81 -22.08 16.36
C SER A 148 24.83 -20.93 15.36
N ARG A 149 25.55 -19.86 15.69
CA ARG A 149 25.65 -18.73 14.79
C ARG A 149 26.34 -19.20 13.51
N GLU A 150 27.38 -20.02 13.67
CA GLU A 150 28.12 -20.54 12.53
C GLU A 150 27.20 -21.23 11.53
N GLU A 151 26.30 -22.07 12.03
CA GLU A 151 25.37 -22.78 11.17
C GLU A 151 24.40 -21.86 10.44
N ALA A 152 23.82 -20.91 11.16
CA ALA A 152 22.88 -19.97 10.56
C ALA A 152 23.58 -19.17 9.45
N LEU A 153 24.83 -18.78 9.70
CA LEU A 153 25.59 -18.03 8.71
C LEU A 153 25.87 -18.90 7.48
N GLU A 154 26.19 -20.17 7.72
CA GLU A 154 26.48 -21.11 6.65
C GLU A 154 25.25 -21.25 5.74
N TRP A 155 24.06 -21.20 6.34
CA TRP A 155 22.82 -21.32 5.58
C TRP A 155 22.54 -20.05 4.77
N GLY A 156 23.29 -18.99 5.05
CA GLY A 156 23.12 -17.76 4.30
C GLY A 156 22.54 -16.55 5.04
N VAL A 157 22.07 -16.75 6.26
CA VAL A 157 21.50 -15.65 7.02
C VAL A 157 22.53 -14.57 7.33
N LEU A 158 22.12 -13.31 7.19
CA LEU A 158 23.02 -12.19 7.45
C LEU A 158 22.22 -10.98 7.88
N PRO A 159 22.78 -10.17 8.81
CA PRO A 159 22.04 -8.98 9.24
C PRO A 159 21.71 -8.19 7.98
N GLY A 160 20.49 -7.66 7.91
CA GLY A 160 20.08 -6.91 6.74
C GLY A 160 19.08 -7.68 5.89
N ASP A 161 19.07 -9.00 6.02
CA ASP A 161 18.14 -9.83 5.25
C ASP A 161 16.69 -9.44 5.51
N MSE A 162 15.89 -9.46 4.45
CA MSE A 162 14.47 -9.16 4.57
C MSE A 162 13.77 -10.37 5.17
O MSE A 162 14.14 -11.51 4.90
CB MSE A 162 13.87 -8.85 3.18
CG MSE A 162 12.38 -9.19 3.05
SE MSE A 162 11.58 -8.69 1.35
CE MSE A 162 12.77 -9.63 0.15
N ILE A 163 12.77 -10.11 5.99
CA ILE A 163 11.96 -11.14 6.62
C ILE A 163 10.52 -10.75 6.31
N VAL A 164 9.77 -11.64 5.67
CA VAL A 164 8.40 -11.32 5.30
C VAL A 164 7.40 -12.35 5.80
N PRO A 165 6.17 -11.92 6.12
CA PRO A 165 5.16 -12.86 6.60
C PRO A 165 4.85 -13.84 5.48
N HIS A 166 4.40 -15.04 5.85
CA HIS A 166 4.02 -16.04 4.87
C HIS A 166 2.52 -16.28 5.04
N PHE A 167 1.78 -16.21 3.93
CA PHE A 167 0.35 -16.48 3.97
C PHE A 167 -0.15 -16.78 2.57
N GLU A 168 -1.05 -17.77 2.48
CA GLU A 168 -1.60 -18.18 1.20
C GLU A 168 -2.85 -17.40 0.80
N PHE A 169 -2.83 -16.86 -0.42
CA PHE A 169 -3.94 -16.11 -0.97
C PHE A 169 -5.20 -16.98 -0.88
N THR A 170 -6.25 -16.45 -0.25
CA THR A 170 -7.47 -17.22 -0.08
C THR A 170 -8.74 -16.47 -0.44
N VAL A 171 -9.55 -17.09 -1.30
CA VAL A 171 -10.83 -16.50 -1.70
C VAL A 171 -11.88 -17.11 -0.78
N MSE A 172 -12.67 -16.26 -0.13
CA MSE A 172 -13.70 -16.74 0.79
C MSE A 172 -14.90 -17.33 0.04
O MSE A 172 -15.00 -17.21 -1.18
CB MSE A 172 -14.18 -15.59 1.70
CG MSE A 172 -13.05 -14.93 2.50
SE MSE A 172 -12.54 -16.05 4.02
SE MSE A 172 -11.62 -16.09 3.13
CE MSE A 172 -11.19 -17.11 3.15
CE MSE A 172 -12.28 -16.41 4.92
N ASN A 173 -15.81 -17.97 0.77
CA ASN A 173 -16.98 -18.57 0.13
C ASN A 173 -17.79 -17.54 -0.63
N ASN A 174 -17.69 -16.28 -0.19
CA ASN A 174 -18.33 -15.19 -0.92
C ASN A 174 -17.08 -14.70 -1.64
N GLU A 175 -16.95 -15.06 -2.92
CA GLU A 175 -15.76 -14.71 -3.68
C GLU A 175 -15.39 -13.24 -3.77
N LYS A 176 -16.23 -12.35 -3.25
CA LYS A 176 -15.94 -10.93 -3.25
C LYS A 176 -14.95 -10.63 -2.12
N PHE A 177 -14.93 -11.47 -1.09
CA PHE A 177 -14.02 -11.29 0.04
C PHE A 177 -12.73 -12.04 -0.20
N LEU A 178 -11.61 -11.32 -0.14
CA LEU A 178 -10.29 -11.87 -0.39
C LEU A 178 -9.36 -11.71 0.81
N LEU A 179 -8.75 -12.82 1.22
CA LEU A 179 -7.83 -12.85 2.36
C LEU A 179 -6.41 -13.04 1.87
N ALA A 180 -5.51 -12.12 2.23
CA ALA A 180 -4.13 -12.23 1.79
C ALA A 180 -3.22 -11.30 2.56
N LYS A 181 -1.92 -11.52 2.45
CA LYS A 181 -0.97 -10.65 3.11
C LYS A 181 -0.78 -9.45 2.20
N ALA A 182 -0.32 -8.35 2.77
CA ALA A 182 -0.01 -7.14 2.02
C ALA A 182 -1.09 -6.45 1.17
N TRP A 183 -2.35 -6.54 1.56
CA TRP A 183 -3.36 -5.82 0.79
C TRP A 183 -2.89 -4.37 0.91
N ASP A 184 -2.21 -4.09 2.01
CA ASP A 184 -1.60 -2.78 2.27
C ASP A 184 -0.16 -2.98 1.78
N ASN A 185 0.18 -2.50 0.59
CA ASN A 185 -0.75 -1.80 -0.29
C ASN A 185 -0.68 -2.30 -1.74
N ARG A 186 -0.74 -3.62 -1.91
CA ARG A 186 -0.71 -4.19 -3.25
C ARG A 186 -2.03 -3.84 -3.94
N ILE A 187 -3.06 -3.55 -3.15
CA ILE A 187 -4.35 -3.19 -3.75
C ILE A 187 -4.23 -1.82 -4.41
N GLY A 188 -3.43 -0.94 -3.83
CA GLY A 188 -3.23 0.38 -4.40
C GLY A 188 -2.43 0.26 -5.69
N CYS A 189 -1.44 -0.63 -5.69
CA CYS A 189 -0.63 -0.85 -6.89
C CYS A 189 -1.55 -1.38 -7.99
N ALA A 190 -2.48 -2.25 -7.60
CA ALA A 190 -3.44 -2.83 -8.53
C ALA A 190 -4.33 -1.74 -9.12
N ILE A 191 -4.76 -0.81 -8.27
CA ILE A 191 -5.62 0.27 -8.74
C ILE A 191 -4.91 1.10 -9.81
N ALA A 192 -3.64 1.42 -9.57
CA ALA A 192 -2.88 2.21 -10.54
C ALA A 192 -2.80 1.44 -11.86
N ILE A 193 -2.59 0.13 -11.79
CA ILE A 193 -2.49 -0.69 -12.99
C ILE A 193 -3.80 -0.68 -13.79
N ASP A 194 -4.91 -1.00 -13.14
CA ASP A 194 -6.19 -1.06 -13.82
C ASP A 194 -6.73 0.28 -14.31
N VAL A 195 -6.32 1.38 -13.69
CA VAL A 195 -6.77 2.68 -14.16
C VAL A 195 -6.06 2.91 -15.50
N LEU A 196 -4.76 2.65 -15.54
CA LEU A 196 -4.02 2.83 -16.78
C LEU A 196 -4.58 1.87 -17.83
N ARG A 197 -5.02 0.69 -17.40
CA ARG A 197 -5.61 -0.28 -18.32
C ARG A 197 -6.83 0.35 -18.98
N ASN A 198 -7.71 0.95 -18.18
CA ASN A 198 -8.90 1.60 -18.70
C ASN A 198 -8.58 2.76 -19.63
N LEU A 199 -7.52 3.49 -19.31
CA LEU A 199 -7.13 4.64 -20.12
C LEU A 199 -6.61 4.28 -21.50
N GLN A 200 -6.26 3.01 -21.70
CA GLN A 200 -5.75 2.59 -22.99
C GLN A 200 -6.87 2.67 -24.03
N ASN A 201 -8.11 2.46 -23.59
CA ASN A 201 -9.25 2.47 -24.49
C ASN A 201 -10.23 3.62 -24.30
N THR A 202 -9.74 4.75 -23.80
CA THR A 202 -10.60 5.91 -23.61
C THR A 202 -9.74 7.17 -23.59
N ASP A 203 -10.25 8.25 -24.16
CA ASP A 203 -9.50 9.49 -24.21
C ASP A 203 -9.43 10.15 -22.84
N HIS A 204 -8.29 10.78 -22.57
CA HIS A 204 -8.09 11.52 -21.33
C HIS A 204 -7.19 12.69 -21.71
N PRO A 205 -7.62 13.93 -21.39
CA PRO A 205 -6.92 15.19 -21.68
C PRO A 205 -5.73 15.49 -20.78
N ASN A 206 -4.94 14.48 -20.48
CA ASN A 206 -3.80 14.69 -19.59
C ASN A 206 -2.77 13.59 -19.71
N ILE A 207 -1.78 13.64 -18.82
CA ILE A 207 -0.70 12.65 -18.77
C ILE A 207 -0.86 11.99 -17.40
N VAL A 208 -1.03 10.67 -17.39
CA VAL A 208 -1.24 9.94 -16.13
C VAL A 208 -0.05 9.07 -15.76
N TYR A 209 0.32 9.09 -14.48
CA TYR A 209 1.43 8.30 -13.99
C TYR A 209 0.97 7.28 -12.95
N GLY A 210 1.10 5.99 -13.28
CA GLY A 210 0.73 4.94 -12.35
C GLY A 210 2.01 4.71 -11.57
N VAL A 211 1.98 4.94 -10.26
CA VAL A 211 3.19 4.82 -9.47
C VAL A 211 3.14 3.81 -8.32
N GLY A 212 4.26 3.11 -8.16
CA GLY A 212 4.41 2.17 -7.08
C GLY A 212 5.58 2.74 -6.28
N THR A 213 5.28 3.51 -5.25
CA THR A 213 6.33 4.12 -4.44
C THR A 213 7.02 3.10 -3.55
N VAL A 214 8.23 3.43 -3.12
CA VAL A 214 8.94 2.56 -2.21
C VAL A 214 8.89 3.19 -0.84
N GLN A 215 9.15 2.38 0.19
CA GLN A 215 9.23 2.84 1.57
C GLN A 215 8.15 3.76 2.12
N GLU A 216 6.88 3.44 1.86
CA GLU A 216 5.79 4.25 2.38
C GLU A 216 5.64 3.96 3.87
N GLU A 217 5.79 2.69 4.24
CA GLU A 217 5.63 2.24 5.62
C GLU A 217 6.63 2.77 6.63
N VAL A 218 7.71 3.38 6.17
CA VAL A 218 8.70 3.93 7.09
C VAL A 218 8.73 5.45 7.09
N GLY A 219 7.76 6.08 6.41
CA GLY A 219 7.72 7.53 6.38
C GLY A 219 7.38 8.22 5.07
N LEU A 220 6.66 7.56 4.18
CA LEU A 220 6.26 8.15 2.90
C LEU A 220 7.50 8.65 2.15
N ARG A 221 8.58 7.89 2.25
CA ARG A 221 9.83 8.29 1.64
C ARG A 221 9.90 8.23 0.12
N GLY A 222 9.48 7.11 -0.46
CA GLY A 222 9.50 6.98 -1.91
C GLY A 222 8.53 7.95 -2.58
N ALA A 223 7.44 8.28 -1.88
CA ALA A 223 6.45 9.21 -2.42
C ALA A 223 7.12 10.56 -2.68
N LYS A 224 7.99 10.97 -1.76
CA LYS A 224 8.69 12.24 -1.89
C LYS A 224 9.57 12.24 -3.13
N THR A 225 10.42 11.23 -3.25
CA THR A 225 11.34 11.14 -4.38
C THR A 225 10.63 10.89 -5.71
N ALA A 226 9.56 10.11 -5.70
CA ALA A 226 8.82 9.82 -6.92
C ALA A 226 8.11 11.08 -7.41
N ALA A 227 7.49 11.81 -6.48
CA ALA A 227 6.79 13.03 -6.83
C ALA A 227 7.76 14.09 -7.34
N HIS A 228 8.95 14.15 -6.77
CA HIS A 228 9.93 15.12 -7.23
C HIS A 228 10.32 14.79 -8.67
N THR A 229 10.43 13.50 -8.96
CA THR A 229 10.78 13.02 -10.29
C THR A 229 9.71 13.37 -11.31
N ILE A 230 8.45 13.26 -10.90
CA ILE A 230 7.32 13.51 -11.78
C ILE A 230 6.85 14.96 -11.89
N GLN A 231 6.84 15.69 -10.77
CA GLN A 231 6.37 17.07 -10.74
C GLN A 231 4.91 17.10 -11.20
N PRO A 232 4.04 16.34 -10.52
CA PRO A 232 2.62 16.28 -10.85
C PRO A 232 1.82 17.56 -10.59
N ASP A 233 0.70 17.69 -11.29
CA ASP A 233 -0.20 18.84 -11.14
C ASP A 233 -1.35 18.44 -10.22
N ILE A 234 -1.64 17.15 -10.19
CA ILE A 234 -2.70 16.59 -9.37
C ILE A 234 -2.24 15.21 -8.91
N ALA A 235 -2.63 14.80 -7.71
CA ALA A 235 -2.23 13.48 -7.23
C ALA A 235 -3.33 12.77 -6.44
N PHE A 236 -3.40 11.46 -6.65
CA PHE A 236 -4.36 10.62 -5.95
C PHE A 236 -3.57 9.52 -5.24
N GLY A 237 -3.64 9.52 -3.92
CA GLY A 237 -2.94 8.48 -3.18
C GLY A 237 -3.95 7.37 -2.99
N VAL A 238 -3.62 6.16 -3.44
CA VAL A 238 -4.53 5.02 -3.27
C VAL A 238 -3.88 4.05 -2.30
N ASP A 239 -4.63 3.67 -1.27
CA ASP A 239 -4.11 2.79 -0.23
C ASP A 239 -5.28 2.12 0.48
N VAL A 240 -5.00 1.45 1.59
CA VAL A 240 -6.06 0.80 2.36
C VAL A 240 -6.43 1.68 3.55
N GLY A 241 -7.67 1.52 4.02
CA GLY A 241 -8.14 2.25 5.16
C GLY A 241 -8.60 1.21 6.16
N ILE A 242 -8.85 1.58 7.40
CA ILE A 242 -9.29 0.60 8.39
C ILE A 242 -10.81 0.41 8.32
N ALA A 243 -11.23 -0.84 8.26
CA ALA A 243 -12.65 -1.16 8.20
C ALA A 243 -13.19 -1.18 9.63
N GLY A 244 -14.42 -0.71 9.82
CA GLY A 244 -14.99 -0.71 11.15
C GLY A 244 -16.21 -1.60 11.27
N ASP A 245 -16.28 -2.62 10.41
CA ASP A 245 -17.43 -3.51 10.42
C ASP A 245 -17.21 -4.88 11.07
N THR A 246 -16.24 -4.96 11.98
CA THR A 246 -15.97 -6.22 12.69
C THR A 246 -16.51 -6.08 14.12
N PRO A 247 -16.70 -7.22 14.81
CA PRO A 247 -17.22 -7.18 16.18
C PRO A 247 -16.46 -6.25 17.13
N GLY A 248 -17.22 -5.51 17.95
CA GLY A 248 -16.62 -4.62 18.92
C GLY A 248 -16.36 -3.18 18.52
N ILE A 249 -16.55 -2.85 17.25
CA ILE A 249 -16.32 -1.49 16.78
C ILE A 249 -17.61 -0.71 16.55
N SER A 250 -17.64 0.52 17.06
CA SER A 250 -18.81 1.38 16.89
C SER A 250 -18.54 2.35 15.75
N GLU A 251 -19.59 2.96 15.20
CA GLU A 251 -19.41 3.90 14.11
C GLU A 251 -18.54 5.08 14.49
N LYS A 252 -18.60 5.46 15.76
CA LYS A 252 -17.79 6.58 16.24
C LYS A 252 -16.30 6.27 16.12
N GLU A 253 -15.95 5.00 16.35
CA GLU A 253 -14.56 4.56 16.28
C GLU A 253 -14.08 4.33 14.85
N ALA A 254 -14.97 3.78 14.02
CA ALA A 254 -14.68 3.51 12.62
C ALA A 254 -16.02 3.33 11.92
N GLN A 255 -16.32 4.23 10.99
CA GLN A 255 -17.60 4.21 10.30
C GLN A 255 -17.72 3.44 8.98
N SER A 256 -16.60 3.18 8.32
CA SER A 256 -16.63 2.48 7.04
C SER A 256 -16.94 1.00 7.08
N LYS A 257 -17.57 0.51 6.01
CA LYS A 257 -17.94 -0.89 5.88
C LYS A 257 -17.44 -1.43 4.56
N MSE A 258 -16.92 -2.65 4.58
CA MSE A 258 -16.41 -3.24 3.34
C MSE A 258 -17.57 -3.57 2.41
O MSE A 258 -18.60 -4.09 2.85
CB MSE A 258 -15.60 -4.50 3.64
CG MSE A 258 -14.49 -4.25 4.65
SE MSE A 258 -12.97 -5.38 4.34
CE MSE A 258 -13.85 -7.07 4.63
N GLY A 259 -17.40 -3.25 1.14
CA GLY A 259 -18.43 -3.52 0.16
C GLY A 259 -19.32 -2.31 -0.09
N LYS A 260 -19.13 -1.25 0.69
CA LYS A 260 -19.93 -0.05 0.54
C LYS A 260 -19.26 1.03 -0.32
N GLY A 261 -18.16 0.67 -0.96
CA GLY A 261 -17.46 1.62 -1.82
C GLY A 261 -16.15 2.16 -1.32
N PRO A 262 -15.32 2.69 -2.23
CA PRO A 262 -14.02 3.25 -1.83
C PRO A 262 -14.23 4.42 -0.87
N GLN A 263 -13.25 4.65 -0.02
CA GLN A 263 -13.32 5.73 0.96
C GLN A 263 -12.69 7.01 0.43
N ILE A 264 -13.40 8.12 0.58
CA ILE A 264 -12.87 9.41 0.18
C ILE A 264 -12.37 9.99 1.49
N ILE A 265 -11.06 10.05 1.65
CA ILE A 265 -10.45 10.54 2.89
C ILE A 265 -10.46 12.06 2.96
N VAL A 266 -11.19 12.61 3.93
CA VAL A 266 -11.26 14.06 4.06
C VAL A 266 -10.08 14.57 4.88
N TYR A 267 -9.49 13.70 5.70
CA TYR A 267 -8.37 14.09 6.54
C TYR A 267 -7.61 12.91 7.14
N ASP A 268 -6.29 13.07 7.23
CA ASP A 268 -5.44 12.08 7.89
C ASP A 268 -4.27 12.87 8.45
N ALA A 269 -3.47 12.25 9.31
CA ALA A 269 -2.35 12.94 9.95
C ALA A 269 -1.32 13.55 9.00
N SER A 270 -1.23 13.03 7.78
CA SER A 270 -0.24 13.53 6.83
C SER A 270 -0.79 14.56 5.84
N MSE A 271 -2.10 14.68 5.75
CA MSE A 271 -2.67 15.65 4.81
C MSE A 271 -4.15 15.98 4.99
O MSE A 271 -4.98 15.11 5.25
CB MSE A 271 -2.47 15.16 3.37
CG MSE A 271 -3.05 16.11 2.31
SE MSE A 271 -2.85 15.52 0.46
CE MSE A 271 -4.36 14.32 0.37
N VAL A 272 -4.46 17.27 4.86
CA VAL A 272 -5.85 17.72 4.91
C VAL A 272 -6.23 17.71 3.43
N SER A 273 -7.26 16.95 3.08
CA SER A 273 -7.68 16.84 1.68
C SER A 273 -7.90 18.20 1.00
N HIS A 274 -7.54 18.28 -0.26
CA HIS A 274 -7.72 19.51 -1.04
C HIS A 274 -9.22 19.57 -1.38
N LYS A 275 -9.88 20.63 -0.93
CA LYS A 275 -11.31 20.79 -1.15
C LYS A 275 -11.74 20.80 -2.61
N GLY A 276 -11.06 21.60 -3.43
CA GLY A 276 -11.41 21.67 -4.84
C GLY A 276 -11.39 20.31 -5.52
N LEU A 277 -10.33 19.55 -5.28
CA LEU A 277 -10.20 18.23 -5.88
C LEU A 277 -11.20 17.25 -5.24
N ARG A 278 -11.33 17.32 -3.93
CA ARG A 278 -12.26 16.45 -3.22
C ARG A 278 -13.67 16.62 -3.78
N ASP A 279 -14.11 17.86 -3.93
CA ASP A 279 -15.45 18.12 -4.46
C ASP A 279 -15.61 17.60 -5.89
N ALA A 280 -14.56 17.72 -6.70
CA ALA A 280 -14.60 17.25 -8.07
C ALA A 280 -14.80 15.74 -8.12
N VAL A 281 -14.10 15.04 -7.23
CA VAL A 281 -14.18 13.58 -7.16
C VAL A 281 -15.56 13.14 -6.67
N VAL A 282 -16.06 13.78 -5.61
CA VAL A 282 -17.37 13.45 -5.08
C VAL A 282 -18.45 13.66 -6.16
N ALA A 283 -18.35 14.77 -6.87
CA ALA A 283 -19.31 15.07 -7.92
C ALA A 283 -19.29 13.98 -9.00
N THR A 284 -18.09 13.52 -9.35
CA THR A 284 -17.95 12.48 -10.36
C THR A 284 -18.62 11.18 -9.90
N ALA A 285 -18.39 10.81 -8.64
CA ALA A 285 -18.98 9.59 -8.10
C ALA A 285 -20.51 9.67 -8.17
N GLU A 286 -21.07 10.79 -7.74
CA GLU A 286 -22.51 11.00 -7.76
C GLU A 286 -23.08 10.92 -9.17
N GLU A 287 -22.42 11.61 -10.11
CA GLU A 287 -22.87 11.61 -11.50
C GLU A 287 -22.80 10.22 -12.15
N ALA A 288 -21.76 9.47 -11.80
CA ALA A 288 -21.58 8.13 -12.37
C ALA A 288 -22.33 7.03 -11.63
N GLY A 289 -22.88 7.36 -10.46
CA GLY A 289 -23.62 6.36 -9.70
C GLY A 289 -22.69 5.36 -9.04
N ILE A 290 -21.48 5.81 -8.71
CA ILE A 290 -20.50 4.95 -8.06
C ILE A 290 -20.61 5.09 -6.54
N PRO A 291 -20.74 3.98 -5.82
CA PRO A 291 -20.84 4.07 -4.36
C PRO A 291 -19.52 4.47 -3.74
N TYR A 292 -19.58 5.23 -2.66
CA TYR A 292 -18.38 5.68 -1.97
C TYR A 292 -18.74 5.99 -0.53
N GLN A 293 -17.71 6.12 0.31
CA GLN A 293 -17.91 6.42 1.72
C GLN A 293 -16.89 7.47 2.14
N PHE A 294 -17.27 8.34 3.07
CA PHE A 294 -16.35 9.36 3.56
C PHE A 294 -15.70 8.80 4.82
N ASP A 295 -14.46 9.21 5.08
CA ASP A 295 -13.78 8.78 6.28
C ASP A 295 -12.59 9.68 6.56
N ALA A 296 -12.00 9.50 7.75
CA ALA A 296 -10.84 10.28 8.15
C ALA A 296 -9.94 9.34 8.95
N ILE A 297 -8.63 9.57 8.87
CA ILE A 297 -7.67 8.74 9.58
C ILE A 297 -6.85 9.62 10.52
N ALA A 298 -7.35 9.80 11.73
CA ALA A 298 -6.71 10.65 12.73
C ALA A 298 -5.23 10.37 13.00
N GLY A 299 -4.86 9.10 13.13
CA GLY A 299 -3.48 8.78 13.43
C GLY A 299 -2.68 8.08 12.35
N GLY A 300 -3.06 8.26 11.11
CA GLY A 300 -2.34 7.62 10.02
C GLY A 300 -2.10 8.58 8.87
N GLY A 301 -1.32 8.13 7.89
CA GLY A 301 -1.03 8.97 6.74
C GLY A 301 -0.98 8.13 5.48
N THR A 302 -0.79 8.78 4.34
CA THR A 302 -0.70 8.08 3.06
C THR A 302 0.33 8.83 2.21
N ASP A 303 0.75 8.21 1.10
CA ASP A 303 1.73 8.82 0.22
C ASP A 303 1.36 10.25 -0.18
N SER A 304 0.06 10.54 -0.22
CA SER A 304 -0.39 11.88 -0.59
C SER A 304 0.25 12.91 0.33
N GLY A 305 0.50 12.51 1.57
CA GLY A 305 1.11 13.40 2.53
C GLY A 305 2.44 14.00 2.07
N ALA A 306 3.26 13.18 1.42
CA ALA A 306 4.56 13.64 0.92
C ALA A 306 4.38 14.30 -0.44
N ILE A 307 3.55 13.71 -1.29
CA ILE A 307 3.32 14.24 -2.62
C ILE A 307 2.82 15.68 -2.67
N HIS A 308 1.82 16.01 -1.86
CA HIS A 308 1.26 17.35 -1.91
C HIS A 308 2.21 18.47 -1.48
N LEU A 309 3.34 18.12 -0.87
CA LEU A 309 4.29 19.14 -0.46
C LEU A 309 5.46 19.27 -1.44
N THR A 310 5.28 18.70 -2.63
CA THR A 310 6.32 18.78 -3.66
C THR A 310 6.34 20.15 -4.30
N ALA A 311 7.53 20.73 -4.43
CA ALA A 311 7.72 22.02 -5.07
C ALA A 311 6.73 23.10 -4.62
N ASN A 312 5.93 23.59 -5.57
CA ASN A 312 4.94 24.64 -5.29
C ASN A 312 3.67 24.09 -4.66
N GLY A 313 3.64 22.78 -4.45
CA GLY A 313 2.46 22.15 -3.87
C GLY A 313 1.67 21.38 -4.90
N VAL A 314 0.89 20.41 -4.44
CA VAL A 314 0.08 19.60 -5.35
C VAL A 314 -1.30 19.30 -4.79
N PRO A 315 -2.36 19.78 -5.46
CA PRO A 315 -3.71 19.48 -4.96
C PRO A 315 -3.80 17.96 -4.99
N ALA A 316 -4.19 17.35 -3.88
CA ALA A 316 -4.26 15.90 -3.83
C ALA A 316 -5.38 15.37 -2.93
N LEU A 317 -5.68 14.09 -3.12
CA LEU A 317 -6.72 13.42 -2.35
C LEU A 317 -6.36 11.95 -2.22
N SER A 318 -6.65 11.38 -1.06
CA SER A 318 -6.39 9.97 -0.83
C SER A 318 -7.73 9.22 -0.92
N ILE A 319 -7.72 8.12 -1.67
CA ILE A 319 -8.90 7.29 -1.85
C ILE A 319 -8.45 5.90 -1.40
N THR A 320 -9.12 5.37 -0.38
CA THR A 320 -8.71 4.08 0.16
C THR A 320 -9.76 2.98 0.16
N ILE A 321 -9.29 1.75 0.40
CA ILE A 321 -10.15 0.59 0.44
C ILE A 321 -10.26 0.14 1.90
N ALA A 322 -11.47 0.16 2.44
CA ALA A 322 -11.69 -0.27 3.83
C ALA A 322 -11.24 -1.72 3.92
N THR A 323 -10.21 -1.97 4.73
CA THR A 323 -9.64 -3.31 4.86
C THR A 323 -9.54 -3.78 6.32
N ARG A 324 -9.82 -5.06 6.55
CA ARG A 324 -9.72 -5.63 7.89
C ARG A 324 -8.36 -6.26 8.12
N TYR A 325 -7.87 -6.15 9.35
CA TYR A 325 -6.60 -6.76 9.76
C TYR A 325 -5.36 -6.30 8.99
N ILE A 326 -5.25 -4.98 8.84
CA ILE A 326 -4.11 -4.36 8.16
C ILE A 326 -2.87 -4.61 9.00
N HIS A 327 -1.71 -4.68 8.35
CA HIS A 327 -0.44 -4.91 9.03
C HIS A 327 -0.37 -6.21 9.83
N THR A 328 -0.92 -7.28 9.25
CA THR A 328 -0.87 -8.59 9.87
C THR A 328 -0.61 -9.58 8.74
N HIS A 329 -0.52 -10.86 9.07
CA HIS A 329 -0.28 -11.88 8.06
C HIS A 329 -1.42 -12.05 7.06
N ALA A 330 -2.64 -11.68 7.47
CA ALA A 330 -3.79 -11.86 6.59
C ALA A 330 -4.85 -10.78 6.68
N ALA A 331 -4.88 -9.89 5.69
CA ALA A 331 -5.87 -8.82 5.66
C ALA A 331 -7.03 -9.26 4.77
N MSE A 332 -8.18 -8.62 4.93
CA MSE A 332 -9.35 -8.96 4.13
C MSE A 332 -9.99 -7.72 3.51
O MSE A 332 -10.20 -6.72 4.19
CB MSE A 332 -10.40 -9.66 5.01
CG MSE A 332 -11.46 -10.37 4.16
CG MSE A 332 -11.65 -10.10 4.28
SE MSE A 332 -12.85 -11.29 5.13
SE MSE A 332 -11.60 -11.97 3.94
CE MSE A 332 -11.79 -12.69 5.92
CE MSE A 332 -12.02 -12.63 5.70
N LEU A 333 -10.27 -7.79 2.21
CA LEU A 333 -10.92 -6.67 1.54
C LEU A 333 -11.97 -7.16 0.56
N HIS A 334 -12.81 -6.25 0.10
CA HIS A 334 -13.92 -6.56 -0.81
C HIS A 334 -13.64 -6.13 -2.25
N ARG A 335 -13.80 -7.06 -3.18
CA ARG A 335 -13.55 -6.79 -4.59
C ARG A 335 -14.35 -5.65 -5.22
N ASP A 336 -15.60 -5.45 -4.80
CA ASP A 336 -16.40 -4.36 -5.37
C ASP A 336 -15.79 -3.00 -5.05
N ASP A 337 -15.27 -2.84 -3.83
CA ASP A 337 -14.67 -1.57 -3.45
C ASP A 337 -13.48 -1.27 -4.35
N TYR A 338 -12.68 -2.30 -4.62
CA TYR A 338 -11.51 -2.18 -5.49
C TYR A 338 -11.94 -1.76 -6.89
N GLU A 339 -12.90 -2.47 -7.47
CA GLU A 339 -13.35 -2.17 -8.82
C GLU A 339 -13.97 -0.77 -8.91
N ASN A 340 -14.70 -0.37 -7.87
CA ASN A 340 -15.31 0.95 -7.90
C ASN A 340 -14.29 2.07 -7.73
N ALA A 341 -13.19 1.79 -7.03
CA ALA A 341 -12.14 2.79 -6.87
C ALA A 341 -11.53 3.03 -8.25
N VAL A 342 -11.33 1.94 -9.00
CA VAL A 342 -10.76 2.03 -10.33
C VAL A 342 -11.67 2.85 -11.24
N LYS A 343 -12.96 2.53 -11.22
CA LYS A 343 -13.93 3.24 -12.04
C LYS A 343 -13.98 4.72 -11.68
N LEU A 344 -14.02 5.02 -10.38
CA LEU A 344 -14.09 6.41 -9.94
C LEU A 344 -12.89 7.23 -10.40
N ILE A 345 -11.69 6.71 -10.17
CA ILE A 345 -10.48 7.43 -10.57
C ILE A 345 -10.40 7.58 -12.09
N THR A 346 -10.84 6.56 -12.82
CA THR A 346 -10.84 6.63 -14.28
C THR A 346 -11.77 7.74 -14.75
N GLU A 347 -12.99 7.76 -14.21
CA GLU A 347 -13.97 8.77 -14.61
C GLU A 347 -13.52 10.18 -14.25
N VAL A 348 -12.87 10.33 -13.10
CA VAL A 348 -12.38 11.65 -12.69
C VAL A 348 -11.29 12.13 -13.63
N ILE A 349 -10.35 11.24 -13.94
CA ILE A 349 -9.25 11.60 -14.83
C ILE A 349 -9.72 12.06 -16.21
N LYS A 350 -10.84 11.52 -16.67
CA LYS A 350 -11.36 11.92 -17.97
C LYS A 350 -11.80 13.37 -17.98
N LYS A 351 -12.09 13.92 -16.80
CA LYS A 351 -12.54 15.31 -16.67
C LYS A 351 -11.41 16.28 -16.35
N LEU A 352 -10.24 15.75 -15.98
CA LEU A 352 -9.15 16.63 -15.60
C LEU A 352 -8.29 17.20 -16.73
N ASP A 353 -8.88 18.09 -17.51
CA ASP A 353 -8.11 18.74 -18.57
C ASP A 353 -7.38 19.93 -17.94
N ARG A 354 -6.56 20.62 -18.72
CA ARG A 354 -5.80 21.75 -18.20
C ARG A 354 -6.69 22.81 -17.54
N LYS A 355 -7.79 23.15 -18.21
CA LYS A 355 -8.71 24.16 -17.69
C LYS A 355 -9.24 23.79 -16.30
N THR A 356 -9.70 22.55 -16.16
CA THR A 356 -10.25 22.08 -14.90
C THR A 356 -9.19 22.03 -13.80
N VAL A 357 -8.00 21.54 -14.13
CA VAL A 357 -6.93 21.47 -13.15
C VAL A 357 -6.50 22.88 -12.72
N ASP A 358 -6.44 23.82 -13.67
CA ASP A 358 -6.06 25.19 -13.33
C ASP A 358 -7.05 25.80 -12.35
N GLU A 359 -8.34 25.61 -12.61
CA GLU A 359 -9.38 26.17 -11.75
C GLU A 359 -9.44 25.51 -10.38
N ILE A 360 -9.06 24.23 -10.32
CA ILE A 360 -9.04 23.50 -9.05
C ILE A 360 -7.87 24.03 -8.21
N THR A 361 -6.80 24.40 -8.90
CA THR A 361 -5.57 24.88 -8.26
C THR A 361 -5.54 26.36 -7.88
N TYR A 362 -5.87 27.23 -8.83
CA TYR A 362 -5.87 28.68 -8.62
C TYR A 362 -7.32 29.12 -8.59
N GLN A 363 -7.80 29.45 -7.38
CA GLN A 363 -9.19 29.82 -7.18
C GLN A 363 -9.57 31.30 -7.19
N GLU A 364 -8.62 32.18 -7.50
CA GLU A 364 -8.92 33.61 -7.57
C GLU A 364 -8.54 34.25 -8.89
N GLY A 365 -8.69 33.49 -9.98
CA GLY A 365 -8.38 34.03 -11.30
C GLY A 365 -6.96 33.86 -11.80
N GLY A 366 -6.73 34.25 -13.04
CA GLY A 366 -5.41 34.14 -13.65
C GLY A 366 -4.85 32.73 -13.55
N SER A 367 -5.73 31.76 -13.42
CA SER A 367 -5.34 30.35 -13.28
C SER A 367 -4.63 29.78 -14.51
N HIS A 368 -4.99 30.27 -15.69
CA HIS A 368 -4.40 29.77 -16.91
C HIS A 368 -3.14 30.52 -17.33
N HIS A 369 -2.57 31.27 -16.41
CA HIS A 369 -1.35 32.03 -16.67
C HIS A 369 -0.13 31.21 -16.26
ZN ZN B . -0.65 1.72 3.11
#